data_2INQ
#
_entry.id   2INQ
#
_cell.length_a   93.120
_cell.length_b   93.120
_cell.length_c   73.870
_cell.angle_alpha   90.00
_cell.angle_beta   90.00
_cell.angle_gamma   120.00
#
_symmetry.space_group_name_H-M   'P 61'
#
loop_
_entity.id
_entity.type
_entity.pdbx_description
1 polymer 'Dihydrofolate reductase'
2 non-polymer 'N-(4-{[(2,4-DIAMINOPTERIDIN-1-IUM-6-YL)METHYL](METHYL)AMINO}BENZOYL)-L-GLUTAMIC ACID'
3 water water
#
_entity_poly.entity_id   1
_entity_poly.type   'polypeptide(L)'
_entity_poly.pdbx_seq_one_letter_code
;MISLIAALAVDRVIGMENAMPWNLPADLAWFKRNTLDKPVIMGRHTWESIGRPLPGRKNIILSSQPGTDDRVTWVKSVDE
AIAACGDVPEIMVIGGGRVYEQFLPKAQKLYLTHIDAEVEGDTHFPDYEPDDWESVFSEFHDADAQNSHSYCFEILERR
;
_entity_poly.pdbx_strand_id   A,B
#
# COMPACT_ATOMS: atom_id res chain seq x y z
N MET A 1 -7.62 24.44 17.96
CA MET A 1 -6.65 24.79 16.91
C MET A 1 -6.86 23.94 15.67
N ILE A 2 -6.69 24.57 14.50
CA ILE A 2 -6.85 23.90 13.21
C ILE A 2 -5.54 23.83 12.42
N SER A 3 -5.16 22.62 12.04
CA SER A 3 -3.95 22.32 11.27
C SER A 3 -4.25 21.47 10.04
N LEU A 4 -3.23 21.25 9.21
CA LEU A 4 -3.36 20.46 7.99
C LEU A 4 -2.25 19.43 7.82
N ILE A 5 -2.63 18.17 7.59
CA ILE A 5 -1.69 17.07 7.41
C ILE A 5 -1.97 16.32 6.11
N ALA A 6 -0.98 16.23 5.23
CA ALA A 6 -1.27 15.51 3.99
C ALA A 6 -0.02 15.04 3.26
N ALA A 7 -0.24 14.03 2.42
CA ALA A 7 0.78 13.39 1.60
C ALA A 7 0.78 14.02 0.21
N LEU A 8 1.63 15.01 -0.04
CA LEU A 8 1.67 15.66 -1.34
C LEU A 8 2.84 15.18 -2.17
N ALA A 9 2.52 14.73 -3.39
CA ALA A 9 3.54 14.23 -4.31
C ALA A 9 4.22 15.42 -4.99
N VAL A 10 5.19 15.14 -5.86
CA VAL A 10 5.89 16.22 -6.54
C VAL A 10 4.88 17.13 -7.24
N ASP A 11 5.25 18.40 -7.34
CA ASP A 11 4.43 19.43 -7.98
C ASP A 11 3.31 19.87 -7.03
N ARG A 12 3.26 19.26 -5.89
CA ARG A 12 2.27 19.59 -4.86
C ARG A 12 0.98 18.80 -5.07
N VAL A 13 1.01 17.76 -5.93
CA VAL A 13 -0.21 17.06 -6.28
C VAL A 13 -0.73 16.14 -5.17
N ILE A 14 -2.03 16.24 -4.89
CA ILE A 14 -2.67 15.44 -3.87
C ILE A 14 -3.66 14.44 -4.46
N GLY A 15 -4.36 13.75 -3.56
CA GLY A 15 -5.34 12.73 -3.81
C GLY A 15 -6.48 13.31 -4.63
N MET A 16 -7.29 12.33 -5.20
CA MET A 16 -8.33 12.81 -6.09
C MET A 16 -9.62 12.03 -5.93
N GLU A 17 -9.39 10.73 -5.94
CA GLU A 17 -10.35 9.64 -5.89
C GLU A 17 -9.62 8.30 -5.91
N ASN A 18 -8.78 8.11 -6.92
CA ASN A 18 -8.04 6.85 -7.04
C ASN A 18 -6.82 6.88 -6.14
N ALA A 19 -6.45 5.75 -5.54
CA ALA A 19 -5.32 5.67 -4.63
C ALA A 19 -4.02 6.01 -5.35
N MET A 20 -3.20 6.77 -4.62
CA MET A 20 -1.89 7.24 -5.05
C MET A 20 -0.90 6.09 -5.25
N PRO A 21 -0.06 6.24 -6.26
CA PRO A 21 0.93 5.23 -6.59
C PRO A 21 2.11 5.11 -5.61
N TRP A 22 1.86 4.59 -4.40
CA TRP A 22 2.87 4.42 -3.39
C TRP A 22 2.42 3.45 -2.30
N ASN A 23 3.36 3.13 -1.43
CA ASN A 23 3.15 2.24 -0.31
C ASN A 23 4.17 2.55 0.79
N LEU A 24 4.00 3.73 1.37
CA LEU A 24 4.85 4.23 2.45
C LEU A 24 4.18 4.05 3.80
N PRO A 25 4.31 2.86 4.39
CA PRO A 25 3.67 2.65 5.70
C PRO A 25 4.23 3.65 6.72
N ALA A 26 5.47 4.08 6.51
CA ALA A 26 6.11 5.04 7.41
C ALA A 26 5.19 6.25 7.56
N ASP A 27 4.80 6.81 6.43
CA ASP A 27 3.92 7.97 6.45
C ASP A 27 2.66 7.60 7.24
N LEU A 28 2.10 6.43 6.94
CA LEU A 28 0.89 5.96 7.62
C LEU A 28 1.11 6.01 9.13
N ALA A 29 2.22 5.43 9.59
CA ALA A 29 2.50 5.45 11.02
C ALA A 29 2.56 6.90 11.48
N TRP A 30 3.28 7.72 10.73
CA TRP A 30 3.37 9.13 11.11
C TRP A 30 1.97 9.74 11.21
N PHE A 31 1.05 9.24 10.41
CA PHE A 31 -0.33 9.70 10.40
C PHE A 31 -1.00 9.41 11.74
N LYS A 32 -1.03 8.14 12.10
CA LYS A 32 -1.62 7.66 13.34
C LYS A 32 -1.13 8.48 14.53
N ARG A 33 0.11 8.34 14.78
CA ARG A 33 0.89 9.19 15.63
C ARG A 33 0.54 10.63 15.79
N ASN A 34 0.42 11.36 14.73
CA ASN A 34 -0.03 12.78 14.71
C ASN A 34 -1.53 12.97 14.65
N THR A 35 -2.27 11.87 14.58
CA THR A 35 -3.73 11.94 14.52
C THR A 35 -4.43 11.37 15.74
N LEU A 36 -3.86 10.37 16.42
CA LEU A 36 -4.50 9.78 17.59
C LEU A 36 -4.98 10.82 18.60
N ASP A 37 -6.14 10.50 19.16
CA ASP A 37 -6.79 11.33 20.17
C ASP A 37 -7.03 12.72 19.63
N LYS A 38 -7.28 12.81 18.32
CA LYS A 38 -7.54 14.06 17.64
C LYS A 38 -8.69 14.00 16.63
N PRO A 39 -9.68 14.89 16.77
CA PRO A 39 -10.80 14.90 15.82
C PRO A 39 -10.24 15.24 14.47
N VAL A 40 -10.86 14.71 13.43
CA VAL A 40 -10.66 14.77 11.97
C VAL A 40 -11.88 15.05 11.09
N ILE A 41 -11.62 15.77 10.01
CA ILE A 41 -12.60 16.16 9.01
C ILE A 41 -12.10 15.79 7.62
N MET A 42 -12.87 15.01 6.88
CA MET A 42 -12.40 14.62 5.55
C MET A 42 -13.46 14.57 4.47
N GLY A 43 -12.99 14.80 3.24
CA GLY A 43 -13.83 14.79 2.06
C GLY A 43 -14.37 13.38 1.85
N ARG A 44 -15.52 13.32 1.17
CA ARG A 44 -16.10 12.07 0.72
C ARG A 44 -14.98 11.16 0.23
N HIS A 45 -14.24 11.62 -0.77
CA HIS A 45 -13.31 10.72 -1.41
C HIS A 45 -12.40 9.97 -0.46
N THR A 46 -11.59 10.65 0.35
CA THR A 46 -10.67 10.02 1.28
C THR A 46 -11.47 9.04 2.12
N TRP A 47 -12.70 9.42 2.46
CA TRP A 47 -13.60 8.59 3.27
C TRP A 47 -13.66 7.19 2.66
N GLU A 48 -14.28 7.12 1.48
CA GLU A 48 -14.39 5.84 0.81
C GLU A 48 -13.02 5.19 0.62
N SER A 49 -11.98 5.99 0.48
CA SER A 49 -10.62 5.50 0.29
C SER A 49 -10.08 4.75 1.50
N ILE A 50 -10.22 5.34 2.69
CA ILE A 50 -9.74 4.67 3.89
C ILE A 50 -10.37 3.28 4.02
N GLY A 51 -11.62 3.21 3.57
CA GLY A 51 -12.36 1.95 3.64
C GLY A 51 -13.07 1.80 4.98
N ARG A 52 -12.42 2.23 6.06
CA ARG A 52 -13.00 2.11 7.38
C ARG A 52 -12.78 3.41 8.16
N PRO A 53 -13.71 3.74 9.05
CA PRO A 53 -13.57 4.92 9.91
C PRO A 53 -12.26 4.80 10.69
N LEU A 54 -11.54 5.91 10.88
CA LEU A 54 -10.28 5.88 11.60
C LEU A 54 -10.46 5.51 13.08
N PRO A 55 -9.79 4.47 13.57
CA PRO A 55 -9.96 4.11 14.98
C PRO A 55 -9.34 5.13 15.94
N GLY A 56 -9.97 5.22 17.11
CA GLY A 56 -9.57 6.14 18.18
C GLY A 56 -9.38 7.55 17.64
N ARG A 57 -10.46 8.11 17.09
CA ARG A 57 -10.58 9.42 16.50
C ARG A 57 -12.07 9.77 16.28
N LYS A 58 -12.32 11.02 15.94
CA LYS A 58 -13.67 11.50 15.70
C LYS A 58 -13.86 11.66 14.19
N ASN A 59 -14.51 10.67 13.62
CA ASN A 59 -14.79 10.60 12.18
C ASN A 59 -15.82 11.60 11.70
N ILE A 60 -15.37 12.68 11.08
CA ILE A 60 -16.27 13.71 10.57
C ILE A 60 -15.99 13.93 9.08
N ILE A 61 -17.07 14.08 8.32
CA ILE A 61 -17.01 14.30 6.89
C ILE A 61 -17.69 15.62 6.49
N LEU A 62 -17.04 16.32 5.54
CA LEU A 62 -17.63 17.43 4.78
C LEU A 62 -17.85 17.12 3.29
N SER A 63 -19.08 17.15 3.04
CA SER A 63 -19.71 16.96 1.72
C SER A 63 -20.81 17.91 1.82
N SER A 64 -21.93 17.32 1.35
CA SER A 64 -22.83 18.07 0.63
C SER A 64 -24.08 17.28 0.43
N GLN A 65 -23.90 15.99 0.22
CA GLN A 65 -24.85 14.98 0.00
C GLN A 65 -25.09 14.26 1.32
N PRO A 66 -26.00 13.33 1.33
CA PRO A 66 -26.37 12.60 2.55
C PRO A 66 -25.17 12.01 3.28
N GLY A 67 -25.44 11.33 4.38
CA GLY A 67 -24.40 10.70 5.17
C GLY A 67 -24.69 9.22 5.36
N THR A 68 -23.88 8.34 4.78
CA THR A 68 -24.08 6.91 4.89
C THR A 68 -24.07 6.44 6.34
N ASP A 69 -22.90 5.97 6.78
CA ASP A 69 -22.63 5.45 8.11
C ASP A 69 -23.22 6.33 9.20
N ASP A 70 -23.33 5.73 10.40
CA ASP A 70 -23.86 6.37 11.58
C ASP A 70 -22.75 6.58 12.61
N ARG A 71 -21.65 5.83 12.45
C ARG A 71 -19.79 7.23 13.28
N VAL A 72 -20.14 8.03 12.28
CA VAL A 72 -19.40 9.23 11.95
C VAL A 72 -20.33 10.43 11.92
N THR A 73 -19.81 11.56 12.40
CA THR A 73 -20.54 12.81 12.46
C THR A 73 -20.55 13.51 11.11
N TRP A 74 -21.67 13.43 10.44
CA TRP A 74 -21.82 14.04 9.13
C TRP A 74 -22.23 15.50 9.18
N VAL A 75 -21.34 16.37 8.72
CA VAL A 75 -21.58 17.80 8.70
C VAL A 75 -21.74 18.25 7.26
N LYS A 76 -22.30 19.43 7.04
CA LYS A 76 -22.47 19.88 5.65
C LYS A 76 -21.97 21.31 5.47
N SER A 77 -20.94 21.67 6.25
CA SER A 77 -20.35 23.00 6.22
C SER A 77 -19.10 23.07 7.08
N VAL A 78 -18.20 23.98 6.74
CA VAL A 78 -16.95 24.17 7.47
C VAL A 78 -17.22 24.63 8.90
N ASP A 79 -18.43 25.14 9.13
CA ASP A 79 -18.84 25.61 10.44
C ASP A 79 -19.21 24.41 11.33
N GLU A 80 -20.23 23.68 10.89
CA GLU A 80 -20.73 22.51 11.60
C GLU A 80 -19.55 21.61 11.99
N ALA A 81 -18.65 21.44 11.03
CA ALA A 81 -17.46 20.62 11.21
C ALA A 81 -16.73 20.93 12.51
N ILE A 82 -16.29 22.17 12.66
CA ILE A 82 -15.57 22.60 13.85
C ILE A 82 -16.34 22.24 15.12
N ALA A 83 -17.57 22.71 15.20
CA ALA A 83 -18.44 22.48 16.34
C ALA A 83 -18.45 21.00 16.73
N ALA A 84 -18.58 20.14 15.72
CA ALA A 84 -18.61 18.69 15.92
C ALA A 84 -17.23 18.20 16.39
N CYS A 85 -16.22 19.06 16.27
CA CYS A 85 -14.85 18.74 16.68
C CYS A 85 -14.79 18.94 18.20
N GLY A 86 -15.72 19.77 18.66
CA GLY A 86 -15.87 20.13 20.06
C GLY A 86 -14.79 21.03 20.59
N ASP A 87 -14.53 20.90 21.91
CA ASP A 87 -13.49 21.73 22.54
C ASP A 87 -12.21 20.94 22.71
N VAL A 88 -11.48 20.77 21.58
CA VAL A 88 -10.22 20.04 21.60
C VAL A 88 -9.04 20.97 21.33
N PRO A 89 -7.85 20.61 21.78
CA PRO A 89 -6.67 21.45 21.55
C PRO A 89 -6.20 21.37 20.11
N GLU A 90 -6.49 20.28 19.39
CA GLU A 90 -6.07 20.15 18.01
C GLU A 90 -7.11 19.47 17.11
N ILE A 91 -7.30 20.08 15.95
CA ILE A 91 -8.20 19.68 14.88
C ILE A 91 -7.38 19.10 13.73
N MET A 92 -7.68 17.87 13.31
CA MET A 92 -6.94 17.24 12.22
C MET A 92 -7.76 17.20 10.93
N VAL A 93 -7.36 18.02 9.97
CA VAL A 93 -8.04 18.07 8.67
C VAL A 93 -7.27 17.26 7.63
N ILE A 94 -7.73 16.03 7.39
CA ILE A 94 -7.09 15.17 6.41
C ILE A 94 -7.72 15.32 5.04
N GLY A 95 -7.97 16.57 4.66
CA GLY A 95 -8.58 16.93 3.40
C GLY A 95 -9.70 16.05 2.94
N GLY A 96 -9.74 15.56 1.71
CA GLY A 96 -8.75 15.79 0.67
C GLY A 96 -8.86 17.20 0.09
N GLY A 97 -8.34 17.37 -1.12
CA GLY A 97 -8.31 18.58 -1.91
C GLY A 97 -9.13 19.75 -1.44
N ARG A 98 -10.29 19.98 -2.06
CA ARG A 98 -11.21 21.07 -1.74
C ARG A 98 -11.37 21.26 -0.23
N VAL A 99 -11.44 20.17 0.53
CA VAL A 99 -11.60 20.27 1.97
C VAL A 99 -10.52 21.18 2.56
N TYR A 100 -9.27 20.88 2.20
CA TYR A 100 -8.13 21.65 2.65
C TYR A 100 -8.32 23.15 2.48
N GLU A 101 -8.47 23.59 1.24
CA GLU A 101 -8.67 24.96 0.80
C GLU A 101 -9.56 25.73 1.76
N GLN A 102 -10.62 25.05 2.20
CA GLN A 102 -11.60 25.61 3.12
C GLN A 102 -11.01 25.83 4.52
N PHE A 103 -10.00 25.04 4.89
CA PHE A 103 -9.37 25.15 6.19
C PHE A 103 -8.11 26.00 6.16
N LEU A 104 -7.48 26.17 4.99
CA LEU A 104 -6.28 26.97 4.89
C LEU A 104 -6.39 28.36 5.51
N PRO A 105 -7.40 29.15 5.19
CA PRO A 105 -7.50 30.49 5.80
C PRO A 105 -7.58 30.41 7.32
N LYS A 106 -8.46 29.56 7.84
CA LYS A 106 -8.60 29.44 9.29
C LYS A 106 -7.57 28.44 9.84
N ALA A 107 -6.64 28.09 8.97
CA ALA A 107 -5.58 27.14 9.30
C ALA A 107 -4.46 27.82 10.06
N GLN A 108 -3.78 27.04 10.91
CA GLN A 108 -2.68 27.54 11.71
C GLN A 108 -1.50 26.59 11.78
N LYS A 109 -1.57 25.41 11.18
CA LYS A 109 -0.45 24.47 11.25
C LYS A 109 -0.48 23.43 10.12
N LEU A 110 0.71 23.01 9.70
CA LEU A 110 0.80 22.01 8.64
C LEU A 110 1.76 20.88 8.98
N TYR A 111 1.27 19.66 8.77
CA TYR A 111 1.96 18.42 9.01
C TYR A 111 1.99 17.65 7.67
N LEU A 112 2.91 18.04 6.78
CA LEU A 112 2.96 17.34 5.51
C LEU A 112 4.23 16.51 5.35
N THR A 113 4.16 15.49 4.50
CA THR A 113 5.29 14.60 4.21
C THR A 113 5.54 14.72 2.70
N HIS A 114 6.78 15.05 2.32
CA HIS A 114 7.02 15.17 0.88
C HIS A 114 7.38 13.87 0.20
N ILE A 115 6.71 13.57 -0.91
CA ILE A 115 7.00 12.35 -1.64
C ILE A 115 7.65 12.74 -2.98
N ASP A 116 8.94 12.32 -3.15
CA ASP A 116 9.70 12.63 -4.35
C ASP A 116 9.30 11.76 -5.53
N ALA A 117 7.96 11.64 -5.74
CA ALA A 117 7.46 10.83 -6.83
C ALA A 117 6.63 11.62 -7.82
N GLU A 118 7.01 11.52 -9.10
CA GLU A 118 6.32 12.20 -10.17
C GLU A 118 4.97 11.52 -10.36
N VAL A 119 3.87 12.18 -10.00
CA VAL A 119 2.56 11.57 -10.15
C VAL A 119 1.57 12.52 -10.81
N GLU A 120 1.25 12.25 -12.07
CA GLU A 120 0.31 13.07 -12.83
C GLU A 120 -0.99 13.23 -12.03
N GLY A 121 -1.82 14.18 -12.44
CA GLY A 121 -3.08 14.48 -11.80
C GLY A 121 -3.51 15.92 -11.98
N ASP A 122 -4.74 16.23 -11.56
CA ASP A 122 -5.26 17.59 -11.68
C ASP A 122 -5.08 18.42 -10.41
N THR A 123 -5.82 18.13 -9.35
CA THR A 123 -5.79 18.82 -8.08
C THR A 123 -4.43 18.85 -7.41
N HIS A 124 -4.20 19.95 -6.70
CA HIS A 124 -2.96 20.23 -5.98
C HIS A 124 -3.26 20.80 -4.60
N PHE A 125 -2.22 20.96 -3.80
CA PHE A 125 -2.36 21.48 -2.44
C PHE A 125 -2.39 23.01 -2.47
N PRO A 126 -3.25 23.62 -1.66
CA PRO A 126 -3.36 25.08 -1.61
C PRO A 126 -2.03 25.79 -1.40
N ASP A 127 -1.65 26.65 -2.34
CA ASP A 127 -0.40 27.40 -2.28
C ASP A 127 -0.26 28.19 -0.98
N TYR A 128 0.99 28.44 -0.58
CA TYR A 128 1.32 29.16 0.64
C TYR A 128 2.74 29.69 0.65
N GLU A 129 2.93 30.98 0.91
CA GLU A 129 4.20 31.68 0.93
C GLU A 129 5.03 31.28 2.15
N PRO A 130 6.16 30.64 1.84
CA PRO A 130 7.15 30.12 2.77
C PRO A 130 7.27 30.83 4.11
N ASP A 131 7.84 32.04 4.16
CA ASP A 131 8.03 32.81 5.37
C ASP A 131 6.75 32.94 6.17
N ASP A 132 5.60 32.91 5.49
CA ASP A 132 4.33 33.02 6.22
C ASP A 132 4.17 31.82 7.14
N TRP A 133 4.82 30.70 6.79
CA TRP A 133 4.77 29.47 7.57
C TRP A 133 6.18 29.02 7.97
N GLU A 134 6.53 29.32 9.22
CA GLU A 134 7.84 28.97 9.76
C GLU A 134 8.13 27.49 9.54
N SER A 135 9.41 27.13 9.72
CA SER A 135 9.86 25.76 9.54
C SER A 135 10.48 25.20 10.82
N VAL A 136 9.74 24.34 11.51
CA VAL A 136 10.16 23.72 12.75
C VAL A 136 10.97 22.45 12.49
N PHE A 137 10.23 21.37 12.29
CA PHE A 137 10.75 20.04 12.01
C PHE A 137 11.54 20.00 10.71
N SER A 138 12.32 19.00 10.36
CA SER A 138 12.88 18.61 9.04
C SER A 138 13.46 17.17 9.11
N GLU A 139 12.67 16.07 8.93
CA GLU A 139 13.21 14.75 8.96
C GLU A 139 13.03 14.13 7.58
N PHE A 140 14.15 13.82 6.92
CA PHE A 140 14.12 13.22 5.60
C PHE A 140 14.53 11.75 5.69
N HIS A 141 13.74 10.92 5.02
CA HIS A 141 13.99 9.49 5.00
C HIS A 141 13.88 8.96 3.58
N ASP A 142 14.85 8.11 3.24
CA ASP A 142 14.87 7.53 1.91
C ASP A 142 13.97 6.29 1.89
N ALA A 143 13.98 5.58 0.75
CA ALA A 143 13.17 4.39 0.61
C ALA A 143 14.03 3.18 0.91
N ASP A 144 13.50 2.25 1.70
CA ASP A 144 14.21 1.05 2.08
C ASP A 144 13.47 -0.21 1.63
N ALA A 145 12.72 -0.83 2.54
CA ALA A 145 11.98 -2.04 2.21
C ALA A 145 10.48 -1.92 2.34
N GLN A 146 9.97 -1.12 3.28
CA GLN A 146 8.52 -0.99 3.42
C GLN A 146 8.00 0.25 2.71
N ASN A 147 8.83 1.29 2.58
CA ASN A 147 8.44 2.53 1.92
C ASN A 147 9.02 2.64 0.52
N SER A 148 8.18 2.36 -0.47
CA SER A 148 8.45 2.39 -1.90
C SER A 148 8.88 3.73 -2.46
N HIS A 149 9.11 4.75 -1.63
CA HIS A 149 9.52 6.05 -2.12
C HIS A 149 10.08 6.96 -1.02
N SER A 150 10.99 7.84 -1.42
CA SER A 150 11.64 8.80 -0.53
C SER A 150 10.61 9.83 -0.03
N TYR A 151 10.51 10.00 1.28
CA TYR A 151 9.54 10.95 1.83
C TYR A 151 10.25 11.98 2.70
N CYS A 152 9.49 12.96 3.22
CA CYS A 152 10.10 13.98 4.07
C CYS A 152 9.06 14.68 4.94
N PHE A 153 9.42 14.77 6.23
CA PHE A 153 8.58 15.40 7.24
C PHE A 153 8.88 16.89 7.55
N GLU A 154 7.80 17.67 7.46
CA GLU A 154 7.71 19.09 7.64
C GLU A 154 6.46 19.59 8.38
N ILE A 155 6.64 20.09 9.59
CA ILE A 155 5.55 20.62 10.38
C ILE A 155 5.68 22.15 10.33
N LEU A 156 4.71 22.79 9.66
CA LEU A 156 4.70 24.23 9.53
C LEU A 156 3.69 24.91 10.46
N GLU A 157 4.20 25.87 11.22
CA GLU A 157 3.43 26.67 12.17
C GLU A 157 3.15 28.01 11.50
N ARG A 158 1.89 28.30 11.16
CA ARG A 158 1.52 29.54 10.53
C ARG A 158 2.10 30.75 11.27
N ARG A 159 2.89 31.55 10.57
CA ARG A 159 3.65 32.63 11.21
C ARG A 159 2.88 33.94 11.15
N MET B 1 1.11 -31.39 -6.11
CA MET B 1 1.37 -30.40 -7.14
C MET B 1 2.00 -29.14 -6.56
N ILE B 2 2.72 -28.40 -7.40
CA ILE B 2 3.38 -27.16 -7.00
C ILE B 2 2.95 -26.05 -7.96
N SER B 3 2.18 -25.10 -7.46
CA SER B 3 1.68 -23.97 -8.24
C SER B 3 2.55 -22.74 -7.97
N LEU B 4 2.13 -21.59 -8.49
CA LEU B 4 2.87 -20.36 -8.30
C LEU B 4 1.95 -19.14 -8.22
N ILE B 5 2.37 -18.13 -7.47
CA ILE B 5 1.56 -16.92 -7.35
C ILE B 5 2.47 -15.70 -7.28
N ALA B 6 2.11 -14.65 -7.99
CA ALA B 6 2.93 -13.45 -7.97
C ALA B 6 2.26 -12.20 -8.54
N ALA B 7 2.90 -11.07 -8.33
CA ALA B 7 2.47 -9.76 -8.79
C ALA B 7 3.36 -9.36 -9.97
N LEU B 8 2.78 -9.28 -11.15
CA LEU B 8 3.57 -8.91 -12.33
C LEU B 8 3.22 -7.55 -12.91
N ALA B 9 4.21 -6.67 -12.95
CA ALA B 9 4.05 -5.32 -13.49
C ALA B 9 4.37 -5.36 -14.97
N VAL B 10 4.59 -4.20 -15.60
CA VAL B 10 4.89 -4.20 -17.02
C VAL B 10 6.33 -4.70 -17.21
N ASP B 11 6.51 -5.59 -18.17
CA ASP B 11 7.81 -6.19 -18.49
C ASP B 11 8.18 -7.26 -17.48
N ARG B 12 7.13 -7.96 -17.01
CA ARG B 12 7.23 -9.03 -16.03
C ARG B 12 8.15 -8.65 -14.87
N VAL B 13 8.00 -7.46 -14.30
CA VAL B 13 8.84 -7.01 -13.18
C VAL B 13 8.21 -7.31 -11.82
N ILE B 14 9.01 -7.86 -10.91
CA ILE B 14 8.47 -8.17 -9.58
C ILE B 14 9.17 -7.50 -8.41
N GLY B 15 10.12 -6.60 -8.63
CA GLY B 15 10.77 -5.96 -7.51
C GLY B 15 11.69 -4.84 -7.95
N MET B 16 12.26 -4.17 -6.95
CA MET B 16 13.19 -3.07 -7.14
C MET B 16 14.11 -2.97 -5.94
N GLU B 17 14.91 -1.90 -5.85
CA GLU B 17 15.81 -1.74 -4.73
C GLU B 17 15.00 -1.59 -3.44
N ASN B 18 13.84 -0.96 -3.54
CA ASN B 18 12.98 -0.76 -2.37
C ASN B 18 11.59 -1.33 -2.60
N ALA B 19 10.67 -1.15 -1.64
CA ALA B 19 9.29 -1.63 -1.72
C ALA B 19 8.65 -1.48 -3.09
N MET B 20 7.67 -2.35 -3.34
CA MET B 20 6.95 -2.35 -4.61
C MET B 20 6.25 -1.00 -4.74
N PRO B 21 6.31 -0.41 -5.93
CA PRO B 21 5.68 0.90 -6.13
C PRO B 21 4.21 0.93 -6.44
N TRP B 22 3.39 0.73 -5.41
CA TRP B 22 1.94 0.74 -5.58
C TRP B 22 1.24 0.43 -4.26
N ASN B 23 -0.07 0.65 -4.25
CA ASN B 23 -0.88 0.39 -3.07
C ASN B 23 -2.11 -0.42 -3.52
N LEU B 24 -1.92 -1.72 -3.74
CA LEU B 24 -3.01 -2.59 -4.17
C LEU B 24 -3.56 -3.39 -2.98
N PRO B 25 -4.36 -2.79 -2.12
CA PRO B 25 -4.87 -3.58 -0.98
C PRO B 25 -5.73 -4.74 -1.52
N ALA B 26 -6.32 -4.53 -2.68
CA ALA B 26 -7.17 -5.55 -3.31
C ALA B 26 -6.42 -6.86 -3.50
N ASP B 27 -5.40 -6.84 -4.35
CA ASP B 27 -4.56 -7.97 -4.67
C ASP B 27 -4.16 -8.72 -3.40
N LEU B 28 -3.86 -7.94 -2.36
CA LEU B 28 -3.47 -8.49 -1.08
C LEU B 28 -4.58 -9.45 -0.63
N ALA B 29 -5.81 -9.06 -0.91
CA ALA B 29 -6.97 -9.87 -0.55
C ALA B 29 -7.00 -11.09 -1.47
N TRP B 30 -6.24 -11.01 -2.56
CA TRP B 30 -6.13 -12.07 -3.55
C TRP B 30 -5.00 -13.02 -3.19
N PHE B 31 -4.00 -12.44 -2.56
CA PHE B 31 -2.84 -13.24 -2.16
C PHE B 31 -3.26 -14.29 -1.14
N LYS B 32 -3.87 -13.83 -0.06
CA LYS B 32 -4.35 -14.66 1.03
C LYS B 32 -5.26 -15.80 0.58
N ARG B 33 -6.12 -15.49 -0.38
CA ARG B 33 -7.08 -16.43 -0.94
C ARG B 33 -6.46 -17.74 -1.41
N ASN B 34 -5.49 -17.64 -2.33
CA ASN B 34 -4.86 -18.86 -2.84
C ASN B 34 -3.67 -19.27 -1.99
N THR B 35 -3.33 -18.47 -0.97
CA THR B 35 -2.21 -18.78 -0.10
C THR B 35 -2.62 -19.48 1.21
N LEU B 36 -3.59 -18.92 1.90
CA LEU B 36 -4.10 -19.45 3.16
C LEU B 36 -4.30 -20.96 3.17
N ASP B 37 -4.19 -21.53 4.37
CA ASP B 37 -4.35 -22.97 4.58
C ASP B 37 -3.49 -23.76 3.63
N LYS B 38 -2.23 -23.34 3.50
CA LYS B 38 -1.27 -24.01 2.63
C LYS B 38 0.17 -23.60 2.95
N PRO B 39 1.09 -24.54 2.80
CA PRO B 39 2.51 -24.27 3.07
C PRO B 39 3.13 -23.47 1.93
N VAL B 40 3.97 -22.47 2.28
CA VAL B 40 4.60 -21.66 1.25
C VAL B 40 6.10 -21.50 1.45
N ILE B 41 6.83 -21.38 0.36
CA ILE B 41 8.28 -21.21 0.41
C ILE B 41 8.64 -19.85 -0.19
N MET B 42 9.34 -19.03 0.59
CA MET B 42 9.74 -17.70 0.17
C MET B 42 11.23 -17.49 0.37
N GLY B 43 11.85 -16.78 -0.62
CA GLY B 43 13.31 -16.49 -0.57
C GLY B 43 13.71 -15.84 0.74
N ARG B 44 14.93 -15.45 0.96
CA ARG B 44 15.44 -14.79 2.16
C ARG B 44 14.91 -13.35 2.21
N HIS B 45 15.39 -12.51 1.30
CA HIS B 45 15.04 -11.10 1.31
C HIS B 45 13.52 -10.93 1.29
N THR B 46 12.84 -11.82 0.59
CA THR B 46 11.38 -11.81 0.52
C THR B 46 10.77 -12.03 1.90
N TRP B 47 11.43 -12.84 2.72
CA TRP B 47 10.95 -13.14 4.06
C TRP B 47 11.07 -11.87 4.90
N GLU B 48 12.17 -11.16 4.67
CA GLU B 48 12.43 -9.92 5.39
C GLU B 48 11.51 -8.83 4.86
N SER B 49 10.92 -9.13 3.70
CA SER B 49 9.99 -8.22 3.01
C SER B 49 8.60 -8.35 3.60
N ILE B 50 8.16 -9.60 3.78
CA ILE B 50 6.84 -9.88 4.35
C ILE B 50 6.73 -9.33 5.77
N GLY B 51 7.88 -9.10 6.41
CA GLY B 51 7.96 -8.59 7.76
C GLY B 51 7.55 -9.55 8.84
N ARG B 52 6.80 -10.59 8.49
CA ARG B 52 6.30 -11.51 9.50
C ARG B 52 5.89 -12.84 8.90
N PRO B 53 5.65 -13.83 9.76
CA PRO B 53 5.03 -15.09 9.33
C PRO B 53 3.63 -14.91 8.76
N LEU B 54 3.44 -15.42 7.54
CA LEU B 54 2.17 -15.33 6.86
C LEU B 54 1.04 -15.95 7.70
N PRO B 55 0.14 -15.15 8.24
CA PRO B 55 -0.94 -15.75 9.05
C PRO B 55 -1.68 -16.88 8.35
N GLY B 56 -2.04 -17.86 9.20
CA GLY B 56 -2.77 -19.00 8.72
C GLY B 56 -2.05 -19.78 7.64
N ARG B 57 -0.72 -19.71 7.63
CA ARG B 57 0.05 -20.44 6.63
C ARG B 57 1.41 -20.94 7.12
N LYS B 58 1.75 -22.17 6.76
CA LYS B 58 3.03 -22.74 7.14
C LYS B 58 4.17 -22.00 6.43
N ASN B 59 4.84 -21.12 7.15
CA ASN B 59 5.94 -20.32 6.63
C ASN B 59 7.25 -21.09 6.46
N ILE B 60 7.61 -21.30 5.20
CA ILE B 60 8.83 -22.02 4.88
C ILE B 60 9.68 -21.11 3.99
N ILE B 61 10.96 -20.96 4.36
CA ILE B 61 11.88 -20.11 3.60
C ILE B 61 13.04 -20.88 2.97
N LEU B 62 13.41 -20.45 1.77
CA LEU B 62 14.49 -21.06 1.01
C LEU B 62 15.64 -20.11 0.72
N SER B 63 16.79 -20.44 1.29
CA SER B 63 18.02 -19.67 1.14
C SER B 63 19.20 -20.42 1.76
N SER B 64 20.38 -19.86 1.65
CA SER B 64 21.58 -20.48 2.20
C SER B 64 21.91 -20.09 3.62
N GLN B 65 22.10 -18.78 3.87
CA GLN B 65 22.44 -18.28 5.20
C GLN B 65 21.52 -18.86 6.28
N PRO B 66 22.08 -19.17 7.44
CA PRO B 66 21.29 -19.73 8.54
C PRO B 66 20.02 -18.94 8.84
N GLY B 67 19.05 -19.53 9.53
CA GLY B 67 17.78 -18.96 9.91
C GLY B 67 17.83 -18.03 11.09
N THR B 68 16.80 -17.20 11.27
CA THR B 68 16.77 -16.27 12.38
C THR B 68 15.44 -16.22 13.11
N ASP B 69 14.65 -17.29 13.04
CA ASP B 69 13.35 -17.31 13.72
C ASP B 69 12.82 -18.73 13.81
N ASP B 70 11.95 -18.98 14.80
CA ASP B 70 11.35 -20.28 15.01
C ASP B 70 9.94 -20.41 14.46
N ARG B 71 9.31 -19.30 13.94
CA ARG B 71 7.94 -19.31 13.40
C ARG B 71 7.87 -19.79 11.95
N VAL B 72 9.09 -20.03 11.48
CA VAL B 72 9.27 -20.48 10.13
C VAL B 72 10.26 -21.64 9.97
N THR B 73 9.90 -22.61 9.14
CA THR B 73 10.78 -23.75 8.91
C THR B 73 11.75 -23.42 7.79
N TRP B 74 13.01 -23.19 8.17
CA TRP B 74 14.10 -22.85 7.26
C TRP B 74 14.62 -24.05 6.52
N VAL B 75 14.90 -23.88 5.22
CA VAL B 75 15.40 -25.00 4.43
C VAL B 75 16.49 -24.56 3.47
N LYS B 76 17.49 -25.44 3.28
CA LYS B 76 18.61 -25.16 2.38
C LYS B 76 18.50 -25.96 1.09
N SER B 77 17.29 -26.22 0.60
CA SER B 77 17.18 -26.99 -0.64
C SER B 77 15.75 -27.26 -1.09
N VAL B 78 15.57 -27.32 -2.40
CA VAL B 78 14.26 -27.57 -3.01
C VAL B 78 13.74 -28.94 -2.61
N ASP B 79 14.59 -29.96 -2.70
CA ASP B 79 14.25 -31.34 -2.34
C ASP B 79 13.70 -31.27 -0.91
N GLU B 80 14.45 -30.49 -0.14
CA GLU B 80 14.15 -30.24 1.27
C GLU B 80 12.75 -29.66 1.39
N ALA B 81 12.52 -28.56 0.68
CA ALA B 81 11.33 -27.76 0.56
C ALA B 81 10.03 -28.55 0.38
N ILE B 82 9.91 -29.23 -0.75
CA ILE B 82 8.72 -30.03 -1.06
C ILE B 82 8.46 -31.01 0.08
N ALA B 83 9.49 -31.72 0.51
CA ALA B 83 9.34 -32.69 1.59
C ALA B 83 9.05 -31.90 2.88
N ALA B 84 9.50 -30.65 2.88
CA ALA B 84 9.34 -29.74 4.00
C ALA B 84 7.91 -29.22 4.07
N CYS B 85 7.09 -29.65 3.11
CA CYS B 85 5.69 -29.24 3.04
C CYS B 85 4.79 -30.43 3.32
N GLY B 86 5.44 -31.58 3.52
CA GLY B 86 4.73 -32.82 3.81
C GLY B 86 3.88 -33.28 2.64
N ASP B 87 2.61 -33.55 2.90
CA ASP B 87 1.69 -34.01 1.87
C ASP B 87 0.46 -33.10 1.89
N VAL B 88 0.49 -32.10 1.03
CA VAL B 88 -0.59 -31.12 0.89
C VAL B 88 -1.26 -31.19 -0.47
N PRO B 89 -2.46 -30.64 -0.59
CA PRO B 89 -3.20 -30.66 -1.86
C PRO B 89 -2.48 -29.88 -2.96
N GLU B 90 -1.65 -28.93 -2.54
CA GLU B 90 -0.88 -28.11 -3.45
C GLU B 90 -0.01 -27.11 -2.71
N ILE B 91 1.23 -26.99 -3.16
CA ILE B 91 2.14 -26.06 -2.51
C ILE B 91 2.26 -24.83 -3.40
N MET B 92 2.24 -23.63 -2.78
CA MET B 92 2.34 -22.41 -3.57
C MET B 92 3.71 -21.80 -3.36
N VAL B 93 4.33 -21.27 -4.42
CA VAL B 93 5.63 -20.62 -4.23
C VAL B 93 5.52 -19.12 -4.38
N ILE B 94 6.20 -18.38 -3.51
CA ILE B 94 6.07 -16.92 -3.68
C ILE B 94 7.38 -16.22 -4.00
N GLY B 95 8.15 -16.73 -4.96
CA GLY B 95 9.41 -16.14 -5.34
C GLY B 95 10.29 -15.77 -4.17
N GLY B 96 11.26 -14.89 -4.30
CA GLY B 96 11.62 -14.12 -5.49
C GLY B 96 12.20 -14.72 -6.71
N GLY B 97 12.58 -13.88 -7.65
CA GLY B 97 13.18 -14.14 -8.93
C GLY B 97 13.89 -15.46 -9.12
N ARG B 98 14.94 -15.70 -8.33
CA ARG B 98 15.70 -16.94 -8.39
C ARG B 98 14.84 -18.11 -7.93
N VAL B 99 14.31 -17.99 -6.69
CA VAL B 99 13.51 -19.05 -6.09
C VAL B 99 12.40 -19.45 -7.06
N TYR B 100 11.92 -18.46 -7.81
CA TYR B 100 10.87 -18.69 -8.79
C TYR B 100 11.42 -19.56 -9.93
N GLU B 101 12.54 -19.08 -10.46
CA GLU B 101 13.30 -19.64 -11.55
C GLU B 101 13.52 -21.14 -11.39
N GLN B 102 13.74 -21.60 -10.16
CA GLN B 102 13.95 -23.00 -9.88
C GLN B 102 12.67 -23.78 -9.67
N PHE B 103 11.54 -23.11 -9.48
CA PHE B 103 10.27 -23.79 -9.27
C PHE B 103 9.30 -23.75 -10.44
N LEU B 104 9.43 -22.78 -11.35
CA LEU B 104 8.56 -22.65 -12.51
C LEU B 104 8.34 -23.97 -13.25
N PRO B 105 9.37 -24.70 -13.64
CA PRO B 105 9.15 -25.97 -14.36
C PRO B 105 8.24 -26.90 -13.57
N LYS B 106 8.40 -26.96 -12.25
CA LYS B 106 7.58 -27.83 -11.42
C LYS B 106 6.25 -27.13 -11.12
N ALA B 107 6.01 -25.98 -11.76
CA ALA B 107 4.79 -25.22 -11.58
C ALA B 107 3.71 -25.71 -12.56
N GLN B 108 2.51 -25.95 -12.05
CA GLN B 108 1.41 -26.42 -12.89
C GLN B 108 0.28 -25.42 -12.99
N LYS B 109 0.17 -24.59 -11.96
CA LYS B 109 -0.86 -23.56 -11.87
C LYS B 109 -0.16 -22.20 -11.76
N LEU B 110 -0.57 -21.28 -12.64
CA LEU B 110 0.06 -19.97 -12.60
C LEU B 110 -0.88 -18.85 -12.17
N TYR B 111 -1.00 -18.66 -10.86
CA TYR B 111 -1.85 -17.63 -10.31
C TYR B 111 -1.15 -16.30 -10.62
N LEU B 112 -1.42 -15.71 -11.78
CA LEU B 112 -0.70 -14.45 -11.98
C LEU B 112 -1.52 -13.19 -11.81
N THR B 113 -0.83 -12.19 -11.28
CA THR B 113 -1.37 -10.86 -11.02
C THR B 113 -0.77 -9.89 -12.04
N HIS B 114 -1.61 -9.36 -12.93
CA HIS B 114 -1.15 -8.43 -13.95
C HIS B 114 -1.61 -7.02 -13.57
N ILE B 115 -0.63 -6.14 -13.36
CA ILE B 115 -0.76 -4.74 -12.99
C ILE B 115 -0.31 -3.82 -14.13
N ASP B 116 -1.23 -2.98 -14.58
CA ASP B 116 -0.98 -2.04 -15.66
C ASP B 116 0.00 -0.95 -15.23
N ALA B 117 1.23 -1.32 -14.86
CA ALA B 117 2.21 -0.36 -14.43
C ALA B 117 3.62 -0.59 -14.97
N GLU B 118 4.32 0.52 -15.18
CA GLU B 118 5.68 0.52 -15.70
C GLU B 118 6.68 0.96 -14.63
N VAL B 119 7.61 0.06 -14.31
CA VAL B 119 8.63 0.35 -13.31
C VAL B 119 9.89 -0.48 -13.51
N GLU B 120 11.04 0.18 -13.53
CA GLU B 120 12.31 -0.50 -13.71
C GLU B 120 12.56 -1.36 -12.48
N GLY B 121 12.66 -2.67 -12.69
CA GLY B 121 12.88 -3.62 -11.61
C GLY B 121 13.94 -4.66 -11.86
N ASP B 122 15.01 -4.58 -11.07
CA ASP B 122 16.17 -5.45 -11.08
C ASP B 122 15.75 -6.91 -11.18
N THR B 123 14.69 -7.22 -10.44
CA THR B 123 14.11 -8.55 -10.38
C THR B 123 13.01 -8.75 -11.44
N HIS B 124 12.99 -9.92 -12.05
CA HIS B 124 12.03 -10.22 -13.11
C HIS B 124 11.50 -11.65 -12.95
N PHE B 125 10.19 -11.80 -13.06
CA PHE B 125 9.55 -13.11 -13.05
C PHE B 125 9.85 -13.80 -14.39
N PRO B 126 10.26 -15.06 -14.34
CA PRO B 126 10.59 -15.86 -15.52
C PRO B 126 9.65 -15.64 -16.71
N ASP B 127 10.06 -16.13 -17.87
CA ASP B 127 9.30 -16.01 -19.10
C ASP B 127 8.56 -17.30 -19.45
N TYR B 128 7.23 -17.29 -19.29
CA TYR B 128 6.40 -18.45 -19.58
C TYR B 128 5.81 -18.39 -21.00
N GLU B 129 6.27 -19.28 -21.90
CA GLU B 129 5.74 -19.53 -23.21
C GLU B 129 4.23 -19.66 -23.51
N PRO B 130 3.46 -18.62 -23.69
CA PRO B 130 2.00 -18.69 -23.78
C PRO B 130 1.57 -19.97 -24.50
N ASP B 131 2.36 -20.36 -25.49
CA ASP B 131 2.09 -21.56 -26.26
C ASP B 131 1.99 -22.79 -25.37
N ASP B 132 2.70 -22.79 -24.24
CA ASP B 132 2.67 -23.91 -23.33
C ASP B 132 2.01 -23.60 -21.99
N TRP B 133 0.78 -23.09 -22.00
CA TRP B 133 0.04 -22.73 -20.80
C TRP B 133 -1.43 -22.61 -21.12
N GLU B 134 -2.30 -22.39 -20.13
CA GLU B 134 -3.71 -22.26 -20.40
C GLU B 134 -4.43 -21.45 -19.33
N SER B 135 -4.68 -20.18 -19.63
CA SER B 135 -5.37 -19.27 -18.71
C SER B 135 -6.84 -19.66 -18.61
N VAL B 136 -7.15 -20.36 -17.51
CA VAL B 136 -8.49 -20.82 -17.22
C VAL B 136 -9.32 -19.76 -16.51
N PHE B 137 -8.78 -18.57 -16.26
CA PHE B 137 -9.54 -17.55 -15.57
C PHE B 137 -8.99 -16.13 -15.65
N SER B 138 -9.74 -15.22 -16.27
CA SER B 138 -9.27 -13.84 -16.36
C SER B 138 -10.23 -12.87 -15.67
N GLU B 139 -9.73 -11.81 -15.06
CA GLU B 139 -10.57 -10.83 -14.39
C GLU B 139 -9.90 -9.45 -14.29
N PHE B 140 -10.19 -8.58 -15.25
CA PHE B 140 -9.62 -7.25 -15.25
C PHE B 140 -10.39 -6.32 -14.30
N HIS B 141 -9.67 -5.35 -13.75
CA HIS B 141 -10.13 -4.34 -12.82
C HIS B 141 -9.41 -3.02 -13.07
N ASP B 142 -10.10 -1.90 -12.89
CA ASP B 142 -9.53 -0.58 -13.09
C ASP B 142 -9.11 0.07 -11.77
N ALA B 143 -8.24 1.06 -11.88
CA ALA B 143 -7.75 1.77 -10.71
C ALA B 143 -8.88 2.56 -10.05
N ASP B 144 -9.24 2.22 -8.84
CA ASP B 144 -10.27 2.85 -8.05
C ASP B 144 -9.65 3.59 -6.86
N ALA B 145 -10.41 3.85 -5.83
CA ALA B 145 -10.00 4.56 -4.62
C ALA B 145 -9.08 3.72 -3.75
N GLN B 146 -9.52 2.55 -3.30
CA GLN B 146 -8.66 1.72 -2.46
C GLN B 146 -7.47 1.22 -3.27
N ASN B 147 -7.49 1.33 -4.65
CA ASN B 147 -6.35 0.85 -5.44
C ASN B 147 -5.64 1.98 -6.17
N SER B 148 -4.40 1.72 -6.27
CA SER B 148 -3.57 2.71 -6.94
C SER B 148 -3.18 2.35 -8.36
N HIS B 149 -3.55 1.14 -8.80
CA HIS B 149 -3.25 0.66 -10.14
C HIS B 149 -4.16 -0.50 -10.54
N SER B 150 -4.37 -0.63 -11.85
CA SER B 150 -5.21 -1.70 -12.37
C SER B 150 -4.54 -3.04 -12.07
N TYR B 151 -5.31 -4.11 -12.24
CA TYR B 151 -4.77 -5.45 -11.97
C TYR B 151 -5.72 -6.51 -12.50
N CYS B 152 -5.28 -7.22 -13.53
CA CYS B 152 -6.05 -8.28 -14.17
C CYS B 152 -5.67 -9.66 -13.62
N PHE B 153 -6.66 -10.43 -13.16
CA PHE B 153 -6.36 -11.75 -12.63
C PHE B 153 -6.37 -12.83 -13.70
N GLU B 154 -5.32 -13.65 -13.66
CA GLU B 154 -5.12 -14.77 -14.57
C GLU B 154 -4.49 -15.96 -13.86
N ILE B 155 -5.03 -17.13 -14.17
CA ILE B 155 -4.66 -18.45 -13.67
C ILE B 155 -4.64 -19.46 -14.81
N LEU B 156 -3.46 -20.01 -15.08
CA LEU B 156 -3.28 -20.98 -16.15
C LEU B 156 -2.85 -22.38 -15.73
N GLU B 157 -3.17 -23.32 -16.62
CA GLU B 157 -2.86 -24.74 -16.48
C GLU B 157 -1.77 -25.14 -17.47
N ARG B 158 -1.24 -26.31 -17.35
CA ARG B 158 -0.21 -26.65 -18.26
C ARG B 158 -0.56 -27.64 -19.37
N ARG B 159 -0.24 -27.26 -20.58
CA ARG B 159 -0.52 -28.10 -21.69
C ARG B 159 0.37 -29.36 -21.84
#